data_6MJK
#
_entry.id   6MJK
#
_cell.length_a   74.230
_cell.length_b   74.230
_cell.length_c   74.230
_cell.angle_alpha   90.00
_cell.angle_beta   90.00
_cell.angle_gamma   90.00
#
_symmetry.space_group_name_H-M   'P 21 3'
#
loop_
_entity.id
_entity.type
_entity.pdbx_description
1 polymer 'dUTP pyrophosphatase'
2 non-polymer 'MAGNESIUM ION'
3 non-polymer "2'-DEOXYURIDINE"
4 non-polymer PYROPHOSPHATE
5 water water
#
_entity_poly.entity_id   1
_entity_poly.type   'polypeptide(L)'
_entity_poly.pdbx_seq_one_letter_code
;MAHHHHHHMSTPQLMRVKKLSEFAILPVRSSQFAAGFDLASAYDYVVPARGKCLVKTDLAVAVPHGYYGRVAPRSGLAVK
NFIDVGAGVVDSDYRGNLGVLLFNHGDEDFKIARGDRIAQFVIEQIALPDIVEVDDLDETERGAGGFGSTGVKSK
;
_entity_poly.pdbx_strand_id   A
#
# COMPACT_ATOMS: atom_id res chain seq x y z
N HIS A 7 -4.02 -18.59 -16.72
CA HIS A 7 -4.24 -17.92 -18.01
C HIS A 7 -4.87 -16.54 -17.81
N HIS A 8 -6.00 -16.49 -17.12
CA HIS A 8 -6.66 -15.21 -16.85
C HIS A 8 -5.81 -14.40 -15.86
N MET A 9 -5.35 -13.23 -16.31
CA MET A 9 -4.47 -12.38 -15.53
CA MET A 9 -4.48 -12.39 -15.50
C MET A 9 -5.05 -10.98 -15.43
N SER A 10 -4.73 -10.28 -14.35
CA SER A 10 -5.11 -8.89 -14.22
C SER A 10 -4.40 -8.03 -15.27
N THR A 11 -5.03 -6.92 -15.63
CA THR A 11 -4.49 -5.93 -16.55
C THR A 11 -4.59 -4.57 -15.90
N PRO A 12 -4.00 -3.54 -16.52
CA PRO A 12 -4.19 -2.17 -15.98
C PRO A 12 -5.64 -1.72 -16.00
N GLN A 13 -6.49 -2.34 -16.81
CA GLN A 13 -7.89 -1.95 -16.91
CA GLN A 13 -7.89 -1.94 -16.90
C GLN A 13 -8.79 -2.75 -15.99
N LEU A 14 -8.38 -3.95 -15.56
CA LEU A 14 -9.27 -4.83 -14.81
C LEU A 14 -8.43 -5.69 -13.87
N MET A 15 -8.59 -5.46 -12.56
CA MET A 15 -7.81 -6.17 -11.55
C MET A 15 -8.66 -7.20 -10.83
N ARG A 16 -8.14 -8.43 -10.76
CA ARG A 16 -8.83 -9.56 -10.15
C ARG A 16 -8.59 -9.58 -8.65
N VAL A 17 -9.68 -9.78 -7.89
CA VAL A 17 -9.65 -9.80 -6.43
C VAL A 17 -10.48 -10.98 -5.96
N LYS A 18 -9.96 -11.69 -4.96
CA LYS A 18 -10.65 -12.84 -4.36
C LYS A 18 -10.94 -12.54 -2.90
N LYS A 19 -12.17 -12.77 -2.48
CA LYS A 19 -12.50 -12.68 -1.06
C LYS A 19 -12.12 -14.00 -0.39
N LEU A 20 -11.33 -13.91 0.68
CA LEU A 20 -10.89 -15.09 1.42
C LEU A 20 -11.84 -15.49 2.54
N SER A 21 -12.81 -14.63 2.87
CA SER A 21 -13.78 -14.93 3.92
C SER A 21 -15.00 -14.05 3.69
N GLU A 22 -16.04 -14.32 4.47
CA GLU A 22 -17.25 -13.52 4.46
C GLU A 22 -17.03 -12.12 5.02
N PHE A 23 -15.89 -11.85 5.65
CA PHE A 23 -15.64 -10.56 6.27
C PHE A 23 -14.94 -9.58 5.35
N ALA A 24 -14.45 -10.03 4.19
CA ALA A 24 -13.72 -9.16 3.29
C ALA A 24 -14.68 -8.21 2.57
N ILE A 25 -14.21 -7.00 2.33
CA ILE A 25 -14.93 -5.97 1.58
C ILE A 25 -14.11 -5.63 0.35
N LEU A 26 -14.75 -5.63 -0.82
CA LEU A 26 -14.01 -5.41 -2.04
C LEU A 26 -13.38 -4.01 -2.02
N PRO A 27 -12.15 -3.87 -2.53
CA PRO A 27 -11.56 -2.52 -2.67
C PRO A 27 -12.43 -1.67 -3.58
N VAL A 28 -12.52 -0.38 -3.26
CA VAL A 28 -13.35 0.52 -4.05
C VAL A 28 -12.74 1.92 -4.00
N ARG A 29 -12.78 2.62 -5.13
CA ARG A 29 -12.26 3.98 -5.18
C ARG A 29 -13.33 4.95 -4.73
N SER A 30 -12.95 5.90 -3.87
CA SER A 30 -13.91 6.80 -3.23
C SER A 30 -14.27 8.01 -4.08
N SER A 31 -13.51 8.29 -5.13
CA SER A 31 -13.85 9.36 -6.07
C SER A 31 -13.49 8.91 -7.49
N GLN A 32 -13.99 9.67 -8.47
CA GLN A 32 -13.88 9.24 -9.86
C GLN A 32 -12.43 9.05 -10.29
N PHE A 33 -11.54 9.96 -9.90
CA PHE A 33 -10.13 9.85 -10.25
C PHE A 33 -9.27 9.67 -9.00
N ALA A 34 -9.80 9.00 -7.99
CA ALA A 34 -9.05 8.72 -6.77
C ALA A 34 -7.87 7.80 -7.08
N ALA A 35 -6.71 8.15 -6.52
CA ALA A 35 -5.48 7.39 -6.76
C ALA A 35 -5.56 5.97 -6.24
N GLY A 36 -6.32 5.74 -5.17
CA GLY A 36 -6.26 4.48 -4.47
C GLY A 36 -7.63 3.88 -4.22
N PHE A 37 -7.62 2.58 -4.01
CA PHE A 37 -8.81 1.86 -3.57
C PHE A 37 -8.82 1.83 -2.04
N ASP A 38 -9.96 2.15 -1.45
CA ASP A 38 -10.06 2.08 -0.01
C ASP A 38 -10.02 0.62 0.45
N LEU A 39 -9.26 0.37 1.52
CA LEU A 39 -9.15 -0.95 2.14
C LEU A 39 -9.83 -0.90 3.50
N ALA A 40 -10.68 -1.89 3.77
CA ALA A 40 -11.41 -1.97 5.01
C ALA A 40 -10.92 -3.15 5.84
N SER A 41 -10.92 -2.97 7.16
CA SER A 41 -10.52 -4.05 8.05
C SER A 41 -11.57 -5.16 8.07
N ALA A 42 -11.09 -6.41 8.05
CA ALA A 42 -11.98 -7.55 8.19
C ALA A 42 -12.29 -7.90 9.64
N TYR A 43 -11.64 -7.27 10.62
CA TYR A 43 -11.78 -7.63 12.03
C TYR A 43 -11.70 -6.37 12.88
N ASP A 44 -12.01 -6.53 14.17
CA ASP A 44 -11.78 -5.49 15.16
C ASP A 44 -10.33 -5.57 15.63
N TYR A 45 -9.70 -4.41 15.79
CA TYR A 45 -8.33 -4.33 16.29
C TYR A 45 -8.17 -3.11 17.18
N VAL A 46 -7.11 -3.14 17.99
CA VAL A 46 -6.62 -1.96 18.69
C VAL A 46 -5.18 -1.73 18.26
N VAL A 47 -4.89 -0.53 17.76
CA VAL A 47 -3.51 -0.14 17.47
C VAL A 47 -2.99 0.61 18.68
N PRO A 48 -2.10 0.03 19.48
CA PRO A 48 -1.70 0.68 20.74
C PRO A 48 -0.99 2.00 20.49
N ALA A 49 -1.16 2.92 21.45
CA ALA A 49 -0.40 4.16 21.44
C ALA A 49 1.09 3.86 21.31
N ARG A 50 1.75 4.59 20.41
CA ARG A 50 3.19 4.42 20.12
C ARG A 50 3.51 3.02 19.63
N GLY A 51 2.52 2.30 19.11
CA GLY A 51 2.69 0.92 18.72
C GLY A 51 2.24 0.63 17.30
N LYS A 52 2.00 -0.65 17.01
CA LYS A 52 1.71 -1.08 15.65
C LYS A 52 0.74 -2.25 15.69
N CYS A 53 0.10 -2.49 14.54
CA CYS A 53 -0.85 -3.60 14.43
C CYS A 53 -0.97 -4.00 12.96
N LEU A 54 -0.90 -5.29 12.70
CA LEU A 54 -1.13 -5.83 11.36
C LEU A 54 -2.62 -6.13 11.19
N VAL A 55 -3.25 -5.47 10.23
CA VAL A 55 -4.68 -5.54 10.01
C VAL A 55 -4.93 -6.41 8.77
N LYS A 56 -5.71 -7.47 8.92
CA LYS A 56 -6.07 -8.32 7.78
C LYS A 56 -7.26 -7.74 7.03
N THR A 57 -7.17 -7.74 5.70
CA THR A 57 -8.33 -7.41 4.87
C THR A 57 -9.12 -8.64 4.46
N ASP A 58 -8.52 -9.83 4.54
CA ASP A 58 -9.12 -11.06 4.02
C ASP A 58 -9.36 -11.00 2.51
N LEU A 59 -8.56 -10.19 1.80
CA LEU A 59 -8.57 -10.16 0.35
C LEU A 59 -7.26 -10.74 -0.16
N ALA A 60 -7.34 -11.47 -1.28
CA ALA A 60 -6.18 -11.73 -2.11
C ALA A 60 -6.35 -10.95 -3.41
N VAL A 61 -5.27 -10.32 -3.87
CA VAL A 61 -5.32 -9.48 -5.05
CA VAL A 61 -5.32 -9.46 -5.05
C VAL A 61 -4.23 -9.92 -6.01
N ALA A 62 -4.53 -9.86 -7.30
CA ALA A 62 -3.53 -10.07 -8.34
C ALA A 62 -3.26 -8.70 -8.97
N VAL A 63 -2.28 -7.99 -8.42
CA VAL A 63 -1.92 -6.71 -9.04
C VAL A 63 -1.37 -6.98 -10.44
N PRO A 64 -1.76 -6.21 -11.46
CA PRO A 64 -1.27 -6.51 -12.82
C PRO A 64 0.24 -6.41 -12.93
N HIS A 65 0.83 -7.29 -13.74
CA HIS A 65 2.25 -7.23 -14.01
C HIS A 65 2.60 -5.87 -14.60
N GLY A 66 3.79 -5.39 -14.26
CA GLY A 66 4.22 -4.04 -14.60
C GLY A 66 3.82 -3.02 -13.57
N TYR A 67 3.18 -3.43 -12.48
CA TYR A 67 2.75 -2.58 -11.38
C TYR A 67 3.07 -3.29 -10.08
N TYR A 68 2.98 -2.55 -8.98
CA TYR A 68 2.82 -3.17 -7.67
C TYR A 68 1.72 -2.41 -6.94
N GLY A 69 1.24 -2.99 -5.84
CA GLY A 69 0.24 -2.35 -5.01
C GLY A 69 0.90 -1.74 -3.80
N ARG A 70 0.75 -0.43 -3.65
CA ARG A 70 1.28 0.25 -2.47
C ARG A 70 0.16 0.48 -1.47
N VAL A 71 0.27 -0.13 -0.29
CA VAL A 71 -0.63 0.23 0.80
C VAL A 71 -0.19 1.61 1.29
N ALA A 72 -1.11 2.57 1.31
CA ALA A 72 -0.79 3.95 1.58
C ALA A 72 -1.74 4.53 2.62
N PRO A 73 -1.32 5.57 3.35
CA PRO A 73 -2.19 6.10 4.43
C PRO A 73 -3.38 6.87 3.91
N ARG A 74 -4.47 6.79 4.67
CA ARG A 74 -5.57 7.73 4.49
C ARG A 74 -5.21 9.03 5.21
N SER A 75 -5.51 10.16 4.56
CA SER A 75 -5.04 11.44 5.08
CA SER A 75 -5.05 11.44 5.07
C SER A 75 -5.78 11.83 6.36
N GLY A 76 -7.08 11.53 6.45
CA GLY A 76 -7.82 11.89 7.64
C GLY A 76 -7.28 11.21 8.89
N LEU A 77 -7.05 9.89 8.80
CA LEU A 77 -6.52 9.18 9.96
C LEU A 77 -5.11 9.66 10.31
N ALA A 78 -4.33 10.10 9.33
CA ALA A 78 -3.00 10.61 9.62
C ALA A 78 -3.06 11.93 10.39
N VAL A 79 -3.87 12.89 9.92
CA VAL A 79 -3.91 14.20 10.56
CA VAL A 79 -3.91 14.20 10.57
C VAL A 79 -4.63 14.14 11.90
N LYS A 80 -5.72 13.38 11.98
CA LYS A 80 -6.53 13.38 13.20
C LYS A 80 -6.00 12.42 14.25
N ASN A 81 -5.47 11.27 13.81
CA ASN A 81 -5.15 10.19 14.73
C ASN A 81 -3.68 9.78 14.72
N PHE A 82 -2.84 10.45 13.94
CA PHE A 82 -1.39 10.18 13.93
C PHE A 82 -1.09 8.76 13.43
N ILE A 83 -1.92 8.26 12.52
CA ILE A 83 -1.77 6.90 11.97
C ILE A 83 -0.93 6.97 10.70
N ASP A 84 0.03 6.05 10.60
CA ASP A 84 0.83 5.89 9.40
C ASP A 84 0.78 4.43 8.98
N VAL A 85 1.20 4.18 7.75
CA VAL A 85 1.24 2.84 7.16
C VAL A 85 2.70 2.43 7.03
N GLY A 86 3.06 1.33 7.69
CA GLY A 86 4.37 0.73 7.52
C GLY A 86 4.34 -0.31 6.42
N ALA A 87 5.51 -0.89 6.15
CA ALA A 87 5.65 -1.91 5.11
C ALA A 87 5.06 -1.33 3.82
N GLY A 88 4.09 -2.02 3.20
CA GLY A 88 3.27 -1.42 2.16
C GLY A 88 3.56 -1.85 0.73
N VAL A 89 4.63 -2.60 0.47
CA VAL A 89 4.95 -3.03 -0.88
C VAL A 89 4.28 -4.39 -1.12
N VAL A 90 3.26 -4.43 -1.98
CA VAL A 90 2.58 -5.67 -2.32
C VAL A 90 2.98 -6.07 -3.74
N ASP A 91 3.72 -7.16 -3.85
CA ASP A 91 4.23 -7.61 -5.14
C ASP A 91 3.12 -8.17 -6.01
N SER A 92 3.29 -8.03 -7.33
CA SER A 92 2.27 -8.49 -8.26
C SER A 92 2.14 -10.01 -8.30
N ASP A 93 3.10 -10.74 -7.73
CA ASP A 93 3.01 -12.20 -7.62
C ASP A 93 2.55 -12.66 -6.24
N TYR A 94 2.16 -11.74 -5.36
CA TYR A 94 1.67 -12.14 -4.04
C TYR A 94 0.22 -12.62 -4.13
N ARG A 95 -0.03 -13.81 -3.58
CA ARG A 95 -1.36 -14.41 -3.62
C ARG A 95 -1.92 -14.68 -2.24
N GLY A 96 -1.32 -14.09 -1.19
CA GLY A 96 -1.81 -14.27 0.16
C GLY A 96 -2.79 -13.18 0.60
N ASN A 97 -3.07 -13.18 1.89
CA ASN A 97 -3.99 -12.23 2.50
C ASN A 97 -3.33 -10.85 2.53
N LEU A 98 -4.00 -9.86 1.94
CA LEU A 98 -3.46 -8.50 1.89
C LEU A 98 -3.54 -7.88 3.29
N GLY A 99 -2.38 -7.59 3.89
CA GLY A 99 -2.31 -7.05 5.23
C GLY A 99 -1.92 -5.58 5.20
N VAL A 100 -2.46 -4.82 6.16
CA VAL A 100 -2.15 -3.41 6.33
C VAL A 100 -1.45 -3.25 7.66
N LEU A 101 -0.19 -2.80 7.64
CA LEU A 101 0.56 -2.58 8.87
C LEU A 101 0.40 -1.12 9.28
N LEU A 102 -0.28 -0.90 10.40
CA LEU A 102 -0.52 0.45 10.88
C LEU A 102 0.43 0.79 12.04
N PHE A 103 0.95 2.01 12.00
CA PHE A 103 1.74 2.57 13.08
C PHE A 103 0.92 3.68 13.72
N ASN A 104 0.85 3.68 15.04
CA ASN A 104 0.13 4.71 15.79
C ASN A 104 1.18 5.52 16.53
N HIS A 105 1.50 6.71 16.02
CA HIS A 105 2.50 7.54 16.69
C HIS A 105 1.91 8.40 17.80
N GLY A 106 0.59 8.36 18.02
CA GLY A 106 -0.06 9.17 19.03
C GLY A 106 0.03 8.53 20.41
N ASP A 107 -0.49 9.26 21.40
CA ASP A 107 -0.48 8.80 22.78
CA ASP A 107 -0.48 8.80 22.78
C ASP A 107 -1.79 8.17 23.22
N GLU A 108 -2.74 7.99 22.30
CA GLU A 108 -3.99 7.31 22.58
C GLU A 108 -4.11 6.10 21.67
N ASP A 109 -4.69 5.03 22.19
CA ASP A 109 -4.98 3.86 21.36
C ASP A 109 -5.92 4.25 20.24
N PHE A 110 -5.80 3.54 19.12
CA PHE A 110 -6.68 3.77 17.97
C PHE A 110 -7.50 2.51 17.75
N LYS A 111 -8.81 2.62 17.89
CA LYS A 111 -9.71 1.47 17.76
C LYS A 111 -10.18 1.33 16.32
N ILE A 112 -10.21 0.08 15.85
CA ILE A 112 -10.65 -0.27 14.51
C ILE A 112 -11.79 -1.27 14.64
N ALA A 113 -12.92 -0.97 14.03
CA ALA A 113 -14.02 -1.93 13.92
C ALA A 113 -14.00 -2.55 12.53
N ARG A 114 -14.48 -3.79 12.46
CA ARG A 114 -14.67 -4.44 11.17
C ARG A 114 -15.45 -3.52 10.24
N GLY A 115 -14.92 -3.33 9.03
CA GLY A 115 -15.53 -2.48 8.04
C GLY A 115 -14.95 -1.08 7.95
N ASP A 116 -14.20 -0.63 8.96
CA ASP A 116 -13.59 0.68 8.90
C ASP A 116 -12.55 0.73 7.78
N ARG A 117 -12.58 1.81 7.00
CA ARG A 117 -11.57 2.04 5.98
C ARG A 117 -10.32 2.59 6.65
N ILE A 118 -9.23 1.83 6.60
CA ILE A 118 -8.06 2.16 7.40
C ILE A 118 -6.80 2.37 6.56
N ALA A 119 -6.90 2.30 5.24
CA ALA A 119 -5.78 2.54 4.35
C ALA A 119 -6.33 2.63 2.94
N GLN A 120 -5.44 2.91 1.99
CA GLN A 120 -5.80 2.81 0.59
C GLN A 120 -4.71 2.04 -0.15
N PHE A 121 -5.02 1.64 -1.38
CA PHE A 121 -4.20 0.72 -2.15
C PHE A 121 -4.01 1.35 -3.53
N VAL A 122 -2.77 1.71 -3.86
CA VAL A 122 -2.46 2.45 -5.08
C VAL A 122 -1.73 1.51 -6.03
N ILE A 123 -2.22 1.40 -7.26
CA ILE A 123 -1.64 0.49 -8.25
C ILE A 123 -0.58 1.30 -9.02
N GLU A 124 0.67 1.20 -8.55
CA GLU A 124 1.75 2.06 -9.02
CA GLU A 124 1.77 2.04 -9.00
C GLU A 124 2.51 1.37 -10.15
N GLN A 125 2.73 2.11 -11.24
CA GLN A 125 3.43 1.57 -12.39
C GLN A 125 4.95 1.57 -12.14
N ILE A 126 5.61 0.46 -12.50
CA ILE A 126 7.03 0.28 -12.22
C ILE A 126 7.72 -0.33 -13.42
N ALA A 127 9.05 -0.23 -13.42
CA ALA A 127 9.88 -1.05 -14.29
C ALA A 127 10.51 -2.15 -13.45
N LEU A 128 10.79 -3.29 -14.09
CA LEU A 128 11.51 -4.41 -13.48
C LEU A 128 12.74 -4.67 -14.35
N PRO A 129 13.72 -3.78 -14.33
CA PRO A 129 14.86 -3.94 -15.24
C PRO A 129 15.75 -5.10 -14.83
N ASP A 130 16.43 -5.66 -15.83
CA ASP A 130 17.61 -6.46 -15.53
C ASP A 130 18.71 -5.53 -15.00
N ILE A 131 19.64 -6.10 -14.24
CA ILE A 131 20.76 -5.35 -13.67
C ILE A 131 21.99 -5.66 -14.49
N VAL A 132 22.76 -4.63 -14.83
CA VAL A 132 24.11 -4.82 -15.37
C VAL A 132 25.10 -4.06 -14.50
N GLU A 133 26.12 -4.77 -14.01
CA GLU A 133 27.20 -4.09 -13.30
C GLU A 133 28.12 -3.44 -14.32
N VAL A 134 28.45 -2.17 -14.09
CA VAL A 134 29.27 -1.41 -15.01
C VAL A 134 30.44 -0.79 -14.27
N ASP A 135 31.43 -0.35 -15.04
CA ASP A 135 32.62 0.28 -14.48
CA ASP A 135 32.58 0.28 -14.42
C ASP A 135 32.41 1.76 -14.19
N ASP A 136 31.50 2.42 -14.91
CA ASP A 136 31.30 3.84 -14.75
C ASP A 136 29.87 4.20 -15.15
N LEU A 137 29.31 5.19 -14.45
CA LEU A 137 27.99 5.72 -14.79
C LEU A 137 28.15 7.06 -15.48
N ASP A 138 27.17 7.40 -16.32
CA ASP A 138 27.16 8.72 -16.96
C ASP A 138 27.17 9.81 -15.90
N GLU A 139 27.86 10.91 -16.20
CA GLU A 139 28.00 12.02 -15.27
CA GLU A 139 27.99 12.01 -15.26
C GLU A 139 26.84 12.99 -15.44
N THR A 140 26.42 13.59 -14.32
CA THR A 140 25.27 14.49 -14.30
C THR A 140 25.61 15.77 -13.56
N GLU A 141 24.75 16.79 -13.72
CA GLU A 141 24.92 18.02 -12.95
C GLU A 141 24.80 17.74 -11.45
N ARG A 142 23.81 16.93 -11.06
CA ARG A 142 23.63 16.59 -9.64
C ARG A 142 24.86 15.88 -9.09
N GLY A 143 25.39 14.91 -9.84
CA GLY A 143 26.54 14.16 -9.36
C GLY A 143 26.24 13.38 -8.10
N ALA A 144 27.18 13.40 -7.16
CA ALA A 144 26.99 12.73 -5.88
C ALA A 144 26.27 13.61 -4.87
N GLY A 145 25.73 14.74 -5.29
CA GLY A 145 25.05 15.64 -4.38
C GLY A 145 23.79 14.99 -3.83
N GLY A 146 23.72 14.84 -2.51
CA GLY A 146 22.58 14.22 -1.89
C GLY A 146 22.42 14.67 -0.45
N PHE A 147 21.22 14.44 0.08
CA PHE A 147 20.89 14.72 1.48
C PHE A 147 21.02 16.21 1.81
N GLY A 148 20.20 17.00 1.11
CA GLY A 148 20.11 18.42 1.39
C GLY A 148 21.13 19.29 0.70
N SER A 149 21.61 18.89 -0.48
CA SER A 149 22.54 19.75 -1.22
C SER A 149 21.83 21.03 -1.64
N THR A 150 20.88 20.92 -2.56
CA THR A 150 20.09 22.04 -3.12
C THR A 150 19.58 23.06 -2.11
#